data_6IZP
#
_entry.id   6IZP
#
loop_
_entity.id
_entity.type
_entity.pdbx_description
1 polymer 'RNA (29-MER)'
2 non-polymer '3-[3-[(7-methyl-1,8-naphthyridin-2-yl)carbamoyloxy]propylamino]propyl ~{N}-(7-methyl-1,8-naphthyridin-2-yl)carbamate'
#
_entity_poly.entity_id   1
_entity_poly.type   'polyribonucleotide'
_entity_poly.pdbx_seq_one_letter_code
;GUACUGGAACAUGUUUCAUGUGGAAGUAC
;
_entity_poly.pdbx_strand_id   A
#
loop_
_chem_comp.id
_chem_comp.type
_chem_comp.name
_chem_comp.formula
A RNA linking ADENOSINE-5'-MONOPHOSPHATE 'C10 H14 N5 O7 P'
B2R non-polymer '3-[3-[(7-methyl-1,8-naphthyridin-2-yl)carbamoyloxy]propylamino]propyl ~{N}-(7-methyl-1,8-naphthyridin-2-yl)carbamate' 'C26 H29 N7 O4'
C RNA linking CYTIDINE-5'-MONOPHOSPHATE 'C9 H14 N3 O8 P'
G RNA linking GUANOSINE-5'-MONOPHOSPHATE 'C10 H14 N5 O8 P'
U RNA linking URIDINE-5'-MONOPHOSPHATE 'C9 H13 N2 O9 P'
#
# COMPACT_ATOMS: atom_id res chain seq x y z
C6 B2R B . 0.85 -1.07 -5.38
N1 B2R B . -0.29 2.88 -4.98
C2 B2R B . 0.44 3.71 -4.20
C5 B2R B . 1.61 -0.23 -4.59
C4 B2R B . 2.00 1.96 -3.66
C3 B2R B . 1.59 3.28 -3.54
C9 B2R B . 1.22 1.10 -4.45
C7 B2R B . -0.28 -0.56 -6.01
C11 B2R B . -1.07 -1.53 -6.85
N8 B2R B . -0.68 0.73 -5.89
C10 B2R B . 0.06 1.58 -5.12
N23 B2R B . 0.09 5.05 -4.04
C24 B2R B . 0.64 5.99 -3.24
O36 B2R B . 1.59 5.87 -2.49
O25 B2R B . -0.06 7.15 -3.38
C26 B2R B . 0.50 8.33 -2.80
C27 B2R B . 0.01 8.42 -1.33
C28 B2R B . 1.07 7.92 -0.32
N35 B2R B . 0.52 7.78 1.11
C34 B2R B . 1.22 6.64 1.87
C33 B2R B . 0.25 5.69 2.62
C32 B2R B . 0.81 4.25 2.74
O31 B2R B . -0.29 3.33 2.92
C30 B2R B . -1.37 3.35 2.10
O37 B2R B . -1.93 4.36 1.74
N29 B2R B . -1.68 2.07 1.76
C13 B2R B . -2.61 1.48 0.89
C14 B2R B . -3.71 2.18 0.40
C15 B2R B . -4.62 1.55 -0.45
C20 B2R B . -4.38 0.20 -0.78
C16 B2R B . -5.27 -0.48 -1.64
C17 B2R B . -5.00 -1.81 -1.92
C18 B2R B . -3.87 -2.38 -1.36
C22 B2R B . -3.54 -3.82 -1.65
N19 B2R B . -3.02 -1.74 -0.55
C21 B2R B . -3.25 -0.46 -0.25
N12 B2R B . -2.39 0.19 0.57
H1 B2R B . 1.13 -2.11 -5.51
H2 B2R B . 2.50 -0.61 -4.09
H3 B2R B . 2.88 1.60 -3.15
H4 B2R B . 2.13 4.00 -2.95
H5 B2R B . -2.14 -1.31 -6.83
H6 B2R B . -0.90 -2.55 -6.47
H7 B2R B . -0.75 -1.50 -7.90
H8 B2R B . -0.69 5.34 -4.58
H9 B2R B . 1.61 8.29 -2.83
H10 B2R B . 0.18 9.21 -3.37
H11 B2R B . -0.26 9.46 -1.12
H12 B2R B . -0.91 7.83 -1.26
H13 B2R B . 1.49 6.96 -0.67
H14 B2R B . 1.90 8.64 -0.30
H30 B2R B . -0.50 7.62 1.11
H16 B2R B . 1.82 6.04 1.16
H17 B2R B . 1.93 7.06 2.60
H18 B2R B . -0.71 5.65 2.08
H19 B2R B . 0.06 6.08 3.64
H20 B2R B . 1.50 4.18 3.59
H21 B2R B . 1.37 3.98 1.83
H22 B2R B . -1.06 1.40 2.15
H23 B2R B . -3.87 3.21 0.68
H24 B2R B . -5.48 2.08 -0.85
H25 B2R B . -6.14 -0.01 -2.06
H26 B2R B . -5.66 -2.38 -2.58
H27 B2R B . -4.36 -4.33 -2.15
H28 B2R B . -3.38 -4.31 -0.67
H29 B2R B . -2.63 -3.91 -2.25
C6 B2R C . -4.85 -2.49 1.48
N1 B2R C . -1.59 -4.29 3.30
C2 B2R C . -0.73 -3.54 4.02
C5 B2R C . -3.98 -1.70 2.22
C4 B2R C . -1.98 -1.52 3.59
C3 B2R C . -0.90 -2.18 4.19
C9 B2R C . -2.87 -2.30 2.84
C7 B2R C . -4.58 -3.85 1.38
C11 B2R C . -5.55 -4.68 0.58
N8 B2R C . -3.52 -4.44 1.98
C10 B2R C . -2.65 -3.69 2.70
N23 B2R C . 0.37 -4.13 4.63
C24 B2R C . 1.42 -3.59 5.30
O36 B2R C . 1.61 -2.41 5.54
O25 B2R C . 2.26 -4.58 5.69
C26 B2R C . 3.68 -4.35 5.80
C27 B2R C . 3.92 -3.08 6.67
C28 B2R C . 4.94 -2.13 6.04
N35 B2R C . 4.29 -1.05 5.16
C34 B2R C . 5.23 -0.59 4.03
C33 B2R C . 4.91 0.83 3.54
C32 B2R C . 5.34 1.03 2.08
O31 B2R C . 4.24 0.60 1.27
C30 B2R C . 4.22 -0.69 0.83
O37 B2R C . 4.94 -1.57 1.26
N29 B2R C . 3.27 -0.73 -0.14
C13 B2R C . 2.66 -1.72 -0.93
C14 B2R C . 3.20 -2.99 -1.14
C15 B2R C . 2.53 -3.90 -1.97
C20 B2R C . 1.33 -3.49 -2.57
C16 B2R C . 0.60 -4.37 -3.40
C17 B2R C . -0.58 -3.91 -3.97
C18 B2R C . -0.99 -2.61 -3.68
C22 B2R C . -2.25 -2.05 -4.27
N19 B2R C . -0.31 -1.77 -2.88
C21 B2R C . 0.85 -2.19 -2.32
N12 B2R C . 1.52 -1.33 -1.52
H1 B2R C . -5.71 -2.06 0.99
H2 B2R C . -4.17 -0.65 2.30
H3 B2R C . -2.12 -0.45 3.71
H4 B2R C . -0.16 -1.66 4.79
H5 B2R C . -6.03 -4.01 -0.17
H6 B2R C . -5.04 -5.48 0.05
H7 B2R C . -6.33 -5.10 1.21
H8 B2R C . 0.40 -5.11 4.53
H9 B2R C . 4.16 -5.24 6.24
H10 B2R C . 4.11 -4.21 4.80
H11 B2R C . 4.23 -3.37 7.68
H12 B2R C . 2.95 -2.57 6.79
H13 B2R C . 5.52 -1.65 6.84
H14 B2R C . 5.66 -2.71 5.44
H30 B2R C . 4.03 -0.24 5.74
H16 B2R C . 6.26 -0.62 4.40
H17 B2R C . 5.15 -1.27 3.18
H18 B2R C . 3.83 1.03 3.60
H19 B2R C . 5.45 1.58 4.17
H20 B2R C . 5.56 2.09 1.87
H21 B2R C . 6.24 0.44 1.86
H22 B2R C . 2.82 0.14 -0.27
H23 B2R C . 4.14 -3.30 -0.68
H24 B2R C . 2.93 -4.90 -2.14
H25 B2R C . 0.92 -5.37 -3.63
H26 B2R C . -1.17 -4.54 -4.62
H27 B2R C . -2.05 -1.04 -4.64
H28 B2R C . -2.61 -2.66 -5.11
H29 B2R C . -3.04 -2.00 -3.51
C6 B2R B . 0.76 -1.20 -5.33
N1 B2R B . -0.20 2.81 -5.03
C2 B2R B . 0.55 3.61 -4.26
C5 B2R B . 1.53 -0.38 -4.52
C4 B2R B . 2.00 1.80 -3.62
C3 B2R B . 1.64 3.15 -3.55
C9 B2R B . 1.21 0.97 -4.43
C7 B2R B . -0.32 -0.63 -6.00
C11 B2R B . -1.13 -1.58 -6.86
N8 B2R B . -0.65 0.68 -5.91
C10 B2R B . 0.10 1.49 -5.14
N23 B2R B . 0.31 4.98 -4.10
C24 B2R B . 0.93 5.86 -3.26
O36 B2R B . 1.84 5.59 -2.50
O25 B2R B . 0.38 7.09 -3.38
C26 B2R B . 0.19 7.88 -2.19
C27 B2R B . 1.53 7.95 -1.41
C28 B2R B . 1.38 7.85 0.12
N35 B2R B . 1.69 6.46 0.71
C34 B2R B . 1.40 6.41 2.22
C33 B2R B . 0.26 5.46 2.61
C32 B2R B . 0.66 3.97 2.55
O31 B2R B . -0.53 3.19 2.76
C30 B2R B . -1.58 3.29 1.90
O37 B2R B . -2.05 4.34 1.53
N29 B2R B . -1.94 2.03 1.56
C13 B2R B . -2.83 1.42 0.66
C14 B2R B . -3.92 2.09 0.08
C15 B2R B . -4.77 1.40 -0.78
C20 B2R B . -4.51 0.04 -1.03
C16 B2R B . -5.34 -0.70 -1.88
C17 B2R B . -5.05 -2.04 -2.09
C18 B2R B . -3.95 -2.58 -1.43
C22 B2R B . -3.58 -4.02 -1.62
N19 B2R B . -3.15 -1.88 -0.62
C21 B2R B . -3.41 -0.57 -0.39
N12 B2R B . -2.60 0.12 0.43
H1 B2R B . 0.98 -2.25 -5.43
H2 B2R B . 2.37 -0.80 -3.99
H3 B2R B . 2.86 1.40 -3.08
H4 B2R B . 2.17 3.88 -2.96
H5 B2R B . -0.97 -2.61 -6.49
H6 B2R B . -2.20 -1.35 -6.81
H7 B2R B . -0.81 -1.54 -7.90
H8 B2R B . -0.43 5.35 -4.65
H9 B2R B . -0.15 8.89 -2.46
H10 B2R B . -0.60 7.43 -1.56
H11 B2R B . 2.18 7.14 -1.77
H12 B2R B . 2.02 8.89 -1.68
H13 B2R B . 2.08 8.57 0.58
H14 B2R B . 0.37 8.16 0.42
H30 B2R B . 2.69 6.21 0.52
H16 B2R B . 2.32 6.10 2.74
H17 B2R B . 1.16 7.42 2.56
H18 B2R B . -0.61 5.60 1.94
H19 B2R B . -0.06 5.67 3.64
H20 B2R B . 1.41 3.74 3.32
H21 B2R B . 1.10 3.73 1.57
H22 B2R B . -1.35 1.35 1.99
H23 B2R B . -4.10 3.14 0.30
H24 B2R B . -5.62 1.91 -1.24
H25 B2R B . -6.19 -0.27 -2.38
H26 B2R B . -5.67 -2.65 -2.74
H27 B2R B . -4.41 -4.59 -2.05
H28 B2R B . -3.38 -4.42 -0.62
H29 B2R B . -2.69 -4.14 -2.25
C6 B2R C . -4.79 -2.65 1.48
N1 B2R C . -1.46 -4.29 3.34
C2 B2R C . -0.66 -3.50 4.10
C5 B2R C . -3.98 -1.83 2.25
C4 B2R C . -2.03 -1.56 3.67
C3 B2R C . -0.92 -2.15 4.29
C9 B2R C . -2.85 -2.38 2.88
C7 B2R C . -4.44 -3.98 1.36
C11 B2R C . -5.37 -4.81 0.50
N8 B2R C . -3.36 -4.53 1.96
C10 B2R C . -2.56 -3.75 2.72
N23 B2R C . 0.47 -4.05 4.74
C24 B2R C . 1.46 -3.43 5.44
O36 B2R C . 1.55 -2.26 5.70
O25 B2R C . 2.41 -4.33 5.85
C26 B2R C . 3.45 -3.85 6.71
C27 B2R C . 4.77 -3.74 5.89
C28 B2R C . 5.36 -2.31 5.87
N35 B2R C . 6.50 -2.12 4.85
C34 B2R C . 6.06 -1.57 3.48
C33 B2R C . 5.91 -0.03 3.40
C32 B2R C . 4.50 0.47 3.00
O31 B2R C . 4.34 0.44 1.57
C30 B2R C . 4.16 -0.75 0.94
O37 B2R C . 4.80 -1.74 1.22
N29 B2R C . 3.17 -0.65 -0.01
C13 B2R C . 2.53 -1.59 -0.83
C14 B2R C . 3.12 -2.84 -1.07
C15 B2R C . 2.49 -3.76 -1.90
C20 B2R C . 1.28 -3.40 -2.50
C16 B2R C . 0.61 -4.30 -3.35
C17 B2R C . -0.60 -3.88 -3.93
C18 B2R C . -1.06 -2.61 -3.62
C22 B2R C . -2.36 -2.15 -4.24
N19 B2R C . -0.43 -1.75 -2.81
C21 B2R C . 0.74 -2.11 -2.24
N12 B2R C . 1.38 -1.25 -1.43
H1 B2R C . -5.66 -2.26 0.98
H2 B2R C . -4.25 -0.80 2.34
H3 B2R C . -2.24 -0.51 3.81
H4 B2R C . -0.25 -1.58 4.91
H5 B2R C . -4.87 -5.72 0.13
H6 B2R C . -6.26 -5.12 1.07
H7 B2R C . -5.69 -4.20 -0.35
H8 B2R C . 0.57 -5.03 4.62
H9 B2R C . 3.17 -2.87 7.12
H10 B2R C . 3.59 -4.54 7.56
H11 B2R C . 4.58 -4.11 4.88
H12 B2R C . 5.50 -4.43 6.35
H13 B2R C . 4.58 -1.57 5.69
H14 B2R C . 5.76 -2.09 6.87
H30 B2R C . 6.99 -3.03 4.71
H16 B2R C . 6.79 -1.88 2.72
H17 B2R C . 5.11 -2.04 3.18
H18 B2R C . 6.15 0.40 4.39
H19 B2R C . 6.63 0.36 2.66
H20 B2R C . 3.73 -0.15 3.48
H21 B2R C . 4.36 1.51 3.37
H22 B2R C . 2.74 0.26 -0.06
H23 B2R C . 4.07 -3.10 -0.60
H24 B2R C . 2.94 -4.74 -2.09
H25 B2R C . 0.98 -5.28 -3.58
H26 B2R C . -1.15 -4.54 -4.59
H27 B2R C . -2.75 -2.89 -4.93
H28 B2R C . -3.11 -1.93 -3.47
H29 B2R C . -2.15 -1.23 -4.80
C6 B2R B . 0.83 -1.08 -5.33
N1 B2R B . 0.04 2.96 -5.10
C2 B2R B . 0.77 3.72 -4.26
C5 B2R B . 1.58 -0.31 -4.47
C4 B2R B . 2.08 1.85 -3.52
C3 B2R B . 1.78 3.21 -3.47
C9 B2R B . 1.31 1.06 -4.39
C7 B2R B . -0.16 -0.49 -6.09
C11 B2R B . -0.93 -1.42 -7.01
N8 B2R B . -0.44 0.83 -6.03
C10 B2R B . 0.28 1.63 -5.19
N23 B2R B . 0.56 5.10 -4.14
C24 B2R B . 1.10 5.99 -3.30
O36 B2R B . 1.94 5.80 -2.43
O25 B2R B . 0.54 7.19 -3.55
C26 B2R B . -0.36 7.72 -2.56
C27 B2R B . 0.47 8.64 -1.63
C28 B2R B . 1.26 7.86 -0.57
N35 B2R B . 0.51 7.73 0.77
C34 B2R B . 1.17 6.67 1.67
C33 B2R B . 0.18 5.72 2.37
C32 B2R B . 0.77 4.30 2.55
O31 B2R B . -0.29 3.36 2.80
C30 B2R B . -1.39 3.33 1.99
O37 B2R B . -1.98 4.32 1.63
N29 B2R B . -1.68 2.04 1.68
C13 B2R B . -2.61 1.42 0.83
C14 B2R B . -3.74 2.09 0.35
C15 B2R B . -4.65 1.43 -0.48
C20 B2R B . -4.39 0.10 -0.81
C16 B2R B . -5.28 -0.62 -1.63
C17 B2R B . -5.00 -1.94 -1.92
C18 B2R B . -3.85 -2.50 -1.37
C22 B2R B . -3.51 -3.94 -1.66
N19 B2R B . -3.00 -1.83 -0.58
C21 B2R B . -3.24 -0.54 -0.28
N12 B2R B . -2.38 0.13 0.53
H1 B2R B . 1.02 -2.16 -5.42
H2 B2R B . 2.35 -0.77 -3.88
H3 B2R B . 2.86 1.42 -2.91
H4 B2R B . 2.32 3.90 -2.83
H5 B2R B . -0.89 -2.44 -6.58
H6 B2R B . -1.97 -1.12 -7.11
H7 B2R B . -0.47 -1.46 -8.00
H8 B2R B . -0.13 5.45 -4.77
H9 B2R B . -1.17 8.29 -3.04
H10 B2R B . -0.81 6.90 -1.97
H11 B2R B . 1.17 9.22 -2.27
H12 B2R B . -0.22 9.36 -1.17
H13 B2R B . 1.51 6.87 -0.96
H14 B2R B . 2.21 8.38 -0.39
H30 B2R B . -0.50 7.50 0.61
H16 B2R B . 1.86 6.07 1.05
H17 B2R B . 1.78 7.18 2.42
H18 B2R B . -0.75 5.62 1.77
H19 B2R B . -0.07 6.11 3.37
H20 B2R B . 1.47 4.29 3.39
H21 B2R B . 1.33 4.00 1.65
H22 B2R B . -1.03 1.39 2.06
H23 B2R B . -3.92 3.13 0.61
H24 B2R B . -5.53 1.94 -0.87
H25 B2R B . -6.17 -0.17 -2.05
H26 B2R B . -5.66 -2.53 -2.55
H27 B2R B . -3.27 -4.43 -0.70
H28 B2R B . -2.63 -4.01 -2.30
H29 B2R B . -4.35 -4.47 -2.12
C6 B2R C . -4.62 -2.63 1.50
N1 B2R C . -1.55 -4.44 3.58
C2 B2R C . -0.71 -3.68 4.31
C5 B2R C . -3.75 -1.83 2.24
C4 B2R C . -1.83 -1.66 3.70
C3 B2R C . -0.82 -2.32 4.39
C9 B2R C . -2.71 -2.45 2.95
C7 B2R C . -4.42 -4.00 1.49
C11 B2R C . -5.39 -4.81 0.66
N8 B2R C . -3.42 -4.61 2.16
C10 B2R C . -2.56 -3.85 2.90
N23 B2R C . 0.33 -4.27 5.03
C24 B2R C . 1.34 -3.66 5.72
O36 B2R C . 1.51 -2.46 5.85
O25 B2R C . 2.18 -4.59 6.23
C26 B2R C . 3.10 -4.14 7.25
C27 B2R C . 4.33 -3.57 6.52
C28 B2R C . 4.22 -2.05 6.25
N35 B2R C . 5.34 -1.52 5.34
C34 B2R C . 4.90 -0.21 4.67
C33 B2R C . 5.19 -0.10 3.15
C32 B2R C . 4.03 0.60 2.40
O31 B2R C . 4.11 0.26 1.00
C30 B2R C . 3.95 -1.02 0.60
O37 B2R C . 4.54 -1.97 1.07
N29 B2R C . 3.02 -1.02 -0.40
C13 B2R C . 2.34 -1.97 -1.16
C14 B2R C . 2.77 -3.29 -1.29
C15 B2R C . 2.03 -4.18 -2.09
C20 B2R C . 0.89 -3.70 -2.75
C16 B2R C . 0.12 -4.54 -3.57
C17 B2R C . -1.00 -4.00 -4.20
C18 B2R C . -1.29 -2.67 -3.98
C22 B2R C . -2.48 -2.04 -4.63
N19 B2R C . -0.56 -1.86 -3.20
C21 B2R C . 0.53 -2.35 -2.58
N12 B2R C . 1.25 -1.52 -1.80
H1 B2R C . -5.44 -2.19 0.94
H2 B2R C . -3.91 -0.77 2.26
H3 B2R C . -1.94 -0.58 3.75
H4 B2R C . -0.10 -1.80 5.00
H5 B2R C . -5.87 -4.13 -0.08
H6 B2R C . -4.88 -5.61 0.12
H7 B2R C . -6.18 -5.24 1.28
H8 B2R C . 0.36 -5.25 5.00
H9 B2R C . 2.62 -3.36 7.87
H10 B2R C . 3.37 -4.98 7.91
H11 B2R C . 4.45 -4.13 5.58
H12 B2R C . 5.21 -3.78 7.13
H13 B2R C . 3.24 -1.84 5.81
H14 B2R C . 4.27 -1.53 7.21
H30 B2R C . 5.61 -2.22 4.63
H16 B2R C . 3.81 -0.08 4.82
H17 B2R C . 5.39 0.64 5.19
H18 B2R C . 6.11 0.52 2.99
H19 B2R C . 5.34 -1.08 2.69
H20 B2R C . 3.06 0.29 2.81
H21 B2R C . 4.11 1.70 2.52
H22 B2R C . 2.66 -0.10 -0.57
H23 B2R C . 3.66 -3.65 -0.78
H24 B2R C . 2.35 -5.22 -2.21
H25 B2R C . 0.36 -5.57 -3.73
H26 B2R C . -1.63 -4.61 -4.84
H27 B2R C . -3.24 -1.76 -3.90
H28 B2R C . -2.13 -1.11 -5.11
H29 B2R C . -2.92 -2.69 -5.38
C6 B2R B . 0.98 -0.84 -5.22
N1 B2R B . -0.04 3.17 -4.95
C2 B2R B . 0.73 4.02 -4.23
C5 B2R B . 1.77 0.01 -4.48
C4 B2R B . 2.24 2.23 -3.66
C3 B2R B . 1.88 3.58 -3.58
C9 B2R B . 1.42 1.37 -4.40
C7 B2R B . -0.15 -0.32 -5.85
C11 B2R B . -0.97 -1.31 -6.63
N8 B2R B . -0.51 0.99 -5.78
C10 B2R B . 0.26 1.84 -5.05
N23 B2R B . 0.34 5.38 -4.17
C24 B2R B . 0.79 6.48 -3.49
O36 B2R B . 1.72 6.56 -2.71
O25 B2R B . -0.02 7.52 -3.82
C26 B2R B . -0.98 8.10 -2.91
C27 B2R B . -0.33 8.34 -1.53
C28 B2R B . -1.31 8.20 -0.34
N35 B2R B . -0.62 8.11 1.02
C34 B2R B . -1.10 6.92 1.88
C33 B2R B . 0.06 6.12 2.51
C32 B2R B . -0.38 4.95 3.42
O31 B2R B . -0.34 3.71 2.68
C30 B2R B . -1.39 3.51 1.83
O37 B2R B . -2.01 4.44 1.38
N29 B2R B . -1.61 2.19 1.62
C13 B2R B . -2.49 1.52 0.76
C14 B2R B . -3.58 2.21 0.23
C15 B2R B . -4.48 1.56 -0.62
C20 B2R B . -4.25 0.21 -0.90
C16 B2R B . -5.13 -0.50 -1.74
C17 B2R B . -4.87 -1.83 -1.99
C18 B2R B . -3.75 -2.41 -1.38
C22 B2R B . -3.43 -3.86 -1.63
N19 B2R B . -2.90 -1.75 -0.58
C21 B2R B . -3.14 -0.44 -0.32
N12 B2R B . -2.28 0.22 0.49
H1 B2R B . 1.22 -1.89 -5.31
H2 B2R B . 2.66 -0.39 -3.99
H3 B2R B . 3.13 1.83 -3.16
H4 B2R B . 2.48 4.29 -3.01
H5 B2R B . -0.78 -2.34 -6.25
H6 B2R B . -2.04 -1.11 -6.56
H7 B2R B . -0.69 -1.30 -7.69
H8 B2R B . -0.45 5.56 -4.74
H9 B2R B . -1.32 9.06 -3.32
H10 B2R B . -1.86 7.45 -2.83
H11 B2R B . 0.52 7.64 -1.43
H12 B2R B . 0.10 9.35 -1.53
H13 B2R B . -1.98 9.07 -0.34
H14 B2R B . -1.96 7.31 -0.48
H30 B2R B . -0.74 9.00 1.54
H16 B2R B . -1.74 7.29 2.69
H17 B2R B . -1.71 6.26 1.26
H18 B2R B . 0.69 6.78 3.11
H19 B2R B . 0.68 5.67 1.71
H20 B2R B . -1.41 5.12 3.79
H21 B2R B . 0.27 4.87 4.30
H22 B2R B . -0.96 1.57 2.07
H23 B2R B . -3.72 3.27 0.48
H24 B2R B . -5.33 2.09 -1.04
H25 B2R B . -5.99 -0.03 -2.20
H26 B2R B . -5.51 -2.42 -2.63
H27 B2R B . -2.43 -3.98 -2.07
H28 B2R B . -4.17 -4.33 -2.28
H29 B2R B . -3.43 -4.38 -0.66
C6 B2R C . -4.97 -2.64 1.37
N1 B2R C . -1.60 -4.36 3.03
C2 B2R C . -0.81 -3.61 3.82
C5 B2R C . -4.17 -1.87 2.18
C4 B2R C . -2.19 -1.68 3.57
C3 B2R C . -1.06 -2.28 4.11
C9 B2R C . -3.02 -2.44 2.75
C7 B2R C . -4.62 -3.98 1.15
C11 B2R C . -5.54 -4.78 0.27
N8 B2R C . -3.52 -4.56 1.69
C10 B2R C . -2.71 -3.81 2.48
N23 B2R C . 0.33 -4.17 4.38
C24 B2R C . 1.34 -3.61 5.10
O36 B2R C . 1.43 -2.44 5.44
O25 B2R C . 2.25 -4.56 5.39
C26 B2R C . 2.94 -4.47 6.66
C27 B2R C . 4.22 -3.68 6.37
C28 B2R C . 4.01 -2.16 6.44
N35 B2R C . 5.29 -1.36 6.23
C34 B2R C . 5.86 -1.43 4.79
C33 B2R C . 5.38 -0.28 3.88
C32 B2R C . 6.04 -0.29 2.48
O31 B2R C . 5.01 -0.16 1.49
C30 B2R C . 4.71 -1.31 0.81
O37 B2R C . 5.28 -2.35 1.02
N29 B2R C . 3.69 -1.07 -0.07
C13 B2R C . 2.96 -1.94 -0.90
C14 B2R C . 3.45 -3.21 -1.20
C15 B2R C . 2.72 -4.07 -2.04
C20 B2R C . 1.52 -3.60 -2.56
C16 B2R C . 0.76 -4.43 -3.41
C17 B2R C . -0.44 -3.94 -3.92
C18 B2R C . -0.80 -2.66 -3.55
C22 B2R C . -2.08 -2.08 -4.09
N19 B2R C . -0.08 -1.86 -2.75
C21 B2R C . 1.08 -2.30 -2.24
N12 B2R C . 1.79 -1.49 -1.42
H1 B2R C . -5.87 -2.23 0.92
H2 B2R C . -4.43 -0.84 2.35
H3 B2R C . -2.40 -0.63 3.79
H4 B2R C . -0.36 -1.77 4.76
H5 B2R C . -5.04 -5.69 -0.11
H6 B2R C . -6.45 -5.08 0.82
H7 B2R C . -5.84 -4.16 -0.59
H8 B2R C . 0.44 -5.14 4.21
H9 B2R C . 2.32 -3.97 7.40
H10 B2R C . 3.17 -5.48 7.02
H11 B2R C . 4.60 -3.97 5.38
H12 B2R C . 4.99 -3.99 7.10
H13 B2R C . 3.24 -1.87 5.71
H14 B2R C . 3.59 -1.92 7.44
H30 B2R C . 6.02 -1.66 6.90
H16 B2R C . 6.95 -1.41 4.84
H17 B2R C . 5.57 -2.40 4.35
H18 B2R C . 4.28 -0.34 3.73
H19 B2R C . 5.62 0.69 4.36
H20 B2R C . 6.76 0.54 2.39
H21 B2R C . 6.59 -1.23 2.33
H22 B2R C . 3.33 -0.14 -0.07
H23 B2R C . 4.39 -3.55 -0.79
H24 B2R C . 3.09 -5.07 -2.26
H25 B2R C . 1.06 -5.43 -3.68
H26 B2R C . -1.06 -4.55 -4.58
H27 B2R C . -2.77 -1.85 -3.27
H28 B2R C . -1.84 -1.14 -4.59
H29 B2R C . -2.57 -2.76 -4.79
C6 B2R B . 0.74 -0.87 -5.53
N1 B2R B . -0.29 3.11 -5.15
C2 B2R B . 0.47 3.96 -4.40
C5 B2R B . 1.54 -0.04 -4.78
C4 B2R B . 2.00 2.16 -3.88
C3 B2R B . 1.63 3.51 -3.76
C9 B2R B . 1.19 1.31 -4.65
C7 B2R B . -0.38 -0.34 -6.15
C11 B2R B . -1.19 -1.34 -6.96
N8 B2R B . -0.75 0.96 -6.04
C10 B2R B . 0.01 1.80 -5.29
N23 B2R B . 0.08 5.31 -4.30
C24 B2R B . 0.51 6.39 -3.60
O36 B2R B . 1.44 6.44 -2.81
O25 B2R B . -0.29 7.44 -3.88
C26 B2R B . -1.21 8.04 -2.94
C27 B2R B . -0.56 8.25 -1.55
C28 B2R B . -1.57 8.11 -0.39
N35 B2R B . -1.01 8.34 1.04
C34 B2R B . 0.01 7.29 1.51
C33 B2R B . -0.62 6.14 2.34
C32 B2R B . 0.29 4.89 2.44
O31 B2R B . -0.51 3.69 2.58
C30 B2R B . -1.55 3.47 1.73
O37 B2R B . -2.19 4.37 1.25
N29 B2R B . -1.76 2.15 1.51
C13 B2R B . -2.62 1.48 0.64
C14 B2R B . -3.72 2.13 0.07
C15 B2R B . -4.59 1.44 -0.78
C20 B2R B . -4.32 0.09 -1.03
C16 B2R B . -5.17 -0.65 -1.88
C17 B2R B . -4.87 -1.98 -2.10
C18 B2R B . -3.76 -2.51 -1.46
C22 B2R B . -3.38 -3.95 -1.64
N19 B2R B . -2.94 -1.82 -0.66
C21 B2R B . -3.20 -0.51 -0.42
N12 B2R B . -2.38 0.18 0.39
H1 B2R B . 0.99 -1.93 -5.66
H2 B2R B . 2.41 -0.46 -4.31
H3 B2R B . 2.90 1.77 -3.39
H4 B2R B . 2.23 4.19 -3.18
H5 B2R B . -0.82 -1.37 -7.99
H6 B2R B . -1.04 -2.35 -6.53
H7 B2R B . -2.25 -1.10 -6.99
H8 B2R B . -0.73 5.51 -4.85
H9 B2R B . -1.53 9.02 -3.33
H10 B2R B . -2.11 7.42 -2.86
H11 B2R B . 0.27 7.53 -1.46
H12 B2R B . -0.11 9.24 -1.54
H13 B2R B . -2.36 8.86 -0.55
H14 B2R B . -2.06 7.14 -0.42
H30 B2R B . -1.80 8.37 1.71
H16 B2R B . 0.53 6.86 0.64
H17 B2R B . 0.78 7.78 2.12
H18 B2R B . -1.59 5.85 1.91
H19 B2R B . -0.81 6.50 3.37
H20 B2R B . 0.95 4.97 3.31
H21 B2R B . 0.92 4.81 1.56
H22 B2R B . -1.12 1.54 1.98
H23 B2R B . -3.91 3.18 0.29
H24 B2R B . -5.45 1.93 -1.23
H25 B2R B . -6.03 -0.21 -2.35
H26 B2R B . -5.50 -2.61 -2.74
H27 B2R B . -4.18 -4.52 -2.12
H28 B2R B . -3.21 -4.35 -0.63
H29 B2R B . -2.46 -4.06 -2.22
C6 B2R C . -4.52 -2.48 1.49
N1 B2R C . -1.26 -4.15 3.41
C2 B2R C . -0.43 -3.40 4.14
C5 B2R C . -3.69 -1.67 2.23
C4 B2R C . -1.73 -1.42 3.66
C3 B2R C . -0.64 -2.03 4.29
C9 B2R C . -2.58 -2.22 2.89
C7 B2R C . -4.22 -3.83 1.42
C11 B2R C . -5.16 -4.69 0.59
N8 B2R C . -3.17 -4.38 2.04
C10 B2R C . -2.33 -3.61 2.78
N23 B2R C . 0.67 -3.97 4.79
C24 B2R C . 1.70 -3.40 5.48
O36 B2R C . 1.84 -2.21 5.70
O25 B2R C . 2.59 -4.33 5.89
C26 B2R C . 3.84 -3.86 6.43
C27 B2R C . 4.98 -4.17 5.42
C28 B2R C . 6.07 -3.07 5.35
N35 B2R C . 6.96 -3.12 4.10
C34 B2R C . 6.35 -2.48 2.83
C33 B2R C . 6.16 -0.95 2.91
C32 B2R C . 6.00 -0.26 1.54
O31 B2R C . 4.62 -0.35 1.12
C30 B2R C . 4.25 -1.50 0.49
O37 B2R C . 4.75 -2.56 0.75
N29 B2R C . 3.28 -1.24 -0.43
C13 B2R C . 2.52 -2.09 -1.24
C14 B2R C . 2.94 -3.40 -1.45
C15 B2R C . 2.20 -4.26 -2.26
C20 B2R C . 1.03 -3.76 -2.85
C16 B2R C . 0.23 -4.56 -3.69
C17 B2R C . -0.91 -4.00 -4.25
C18 B2R C . -1.21 -2.68 -3.95
C22 B2R C . -2.44 -2.05 -4.54
N19 B2R C . -0.46 -1.90 -3.15
C21 B2R C . 0.66 -2.41 -2.60
N12 B2R C . 1.39 -1.61 -1.80
H1 B2R C . -5.39 -2.08 0.97
H2 B2R C . -3.93 -0.62 2.28
H3 B2R C . -1.89 -0.35 3.77
H4 B2R C . 0.06 -1.47 4.89
H5 B2R C . -5.65 -4.06 -0.16
H6 B2R C . -4.60 -5.48 0.07
H7 B2R C . -5.94 -5.16 1.21
H8 B2R C . 0.73 -4.97 4.69
H9 B2R C . 3.78 -2.78 6.60
H10 B2R C . 4.04 -4.34 7.39
H11 B2R C . 4.55 -4.35 4.44
H12 B2R C . 5.45 -5.12 5.74
H13 B2R C . 5.60 -2.07 5.43
H14 B2R C . 6.72 -3.18 6.23
H30 B2R C . 7.20 -4.12 3.88
H16 B2R C . 6.99 -2.69 1.97
H17 B2R C . 5.38 -2.96 2.61
H18 B2R C . 5.24 -0.72 3.50
H19 B2R C . 7.02 -0.48 3.42
H20 B2R C . 6.29 0.79 1.59
H21 B2R C . 6.63 -0.76 0.79
H22 B2R C . 2.98 -0.28 -0.46
H23 B2R C . 3.86 -3.75 -0.97
H24 B2R C . 2.52 -5.28 -2.44
H25 B2R C . 0.48 -5.58 -3.91
H26 B2R C . -1.55 -4.60 -4.90
H27 B2R C . -2.88 -2.67 -5.33
H28 B2R C . -3.19 -1.86 -3.77
H29 B2R C . -2.12 -1.08 -4.96
C6 B2R B . 0.71 -1.12 -5.54
N1 B2R B . -0.28 2.88 -5.18
C2 B2R B . 0.47 3.68 -4.39
C5 B2R B . 1.49 -0.31 -4.73
C4 B2R B . 1.94 1.86 -3.81
C3 B2R B . 1.58 3.20 -3.71
C9 B2R B . 1.14 1.04 -4.63
C7 B2R B . -0.38 -0.57 -6.20
C11 B2R B . -1.17 -1.52 -7.06
N8 B2R B . -0.74 0.74 -6.11
C10 B2R B . 0.01 1.56 -5.32
N23 B2R B . 0.21 5.04 -4.24
C24 B2R B . 0.79 5.94 -3.40
O36 B2R B . 1.72 5.73 -2.64
O25 B2R B . 0.19 7.14 -3.53
C26 B2R B . -0.25 7.88 -2.37
C27 B2R B . 0.89 7.94 -1.32
C28 B2R B . 0.43 8.35 0.09
N35 B2R B . 1.12 7.52 1.18
C34 B2R B . 0.15 6.72 2.08
C33 B2R B . 0.77 5.38 2.52
C32 B2R B . -0.18 4.53 3.38
O31 B2R B . -0.37 3.31 2.66
C30 B2R B . -1.47 3.26 1.85
O37 B2R B . -2.04 4.26 1.48
N29 B2R B . -1.76 1.98 1.57
C13 B2R B . -2.69 1.36 0.72
C14 B2R B . -3.80 2.05 0.23
C15 B2R B . -4.72 1.40 -0.59
C20 B2R B . -4.48 0.05 -0.89
C16 B2R B . -5.37 -0.66 -1.72
C17 B2R B . -5.11 -2.00 -1.98
C18 B2R B . -3.97 -2.55 -1.42
C22 B2R B . -3.65 -4.00 -1.66
N19 B2R B . -3.11 -1.89 -0.63
C21 B2R B . -3.35 -0.59 -0.36
N12 B2R B . -2.48 0.06 0.44
H1 B2R B . 0.95 -2.17 -5.65
H2 B2R B . 2.33 -0.71 -4.21
H3 B2R B . 2.80 1.46 -3.28
H4 B2R B . 2.14 3.90 -3.10
H5 B2R B . -0.84 -1.49 -8.10
H6 B2R B . -1.01 -2.56 -6.68
H7 B2R B . -2.25 -1.32 -7.03
H8 B2R B . -0.55 5.38 -4.77
H9 B2R B . -0.54 8.90 -2.67
H10 B2R B . -1.15 7.40 -1.94
H11 B2R B . 1.36 6.95 -1.30
H12 B2R B . 1.64 8.64 -1.69
H13 B2R B . 0.69 9.42 0.25
H14 B2R B . -0.66 8.28 0.18
H30 B2R B . 1.72 8.12 1.77
H16 B2R B . -0.11 7.32 2.97
H17 B2R B . -0.78 6.53 1.53
H18 B2R B . 1.69 5.58 3.11
H19 B2R B . 1.04 4.78 1.64
H20 B2R B . -1.14 5.04 3.53
H21 B2R B . 0.27 4.32 4.37
H22 B2R B . -1.13 1.32 1.97
H23 B2R B . -3.95 3.10 0.49
H24 B2R B . -5.59 1.92 -0.99
H25 B2R B . -6.25 -0.21 -2.15
H26 B2R B . -5.77 -2.58 -2.61
H27 B2R B . -4.51 -4.54 -2.09
H28 B2R B . -3.40 -4.44 -0.69
H29 B2R B . -2.79 -4.11 -2.34
C6 B2R C . -4.59 -2.63 1.54
N1 B2R C . -1.45 -4.39 3.59
C2 B2R C . -0.62 -3.63 4.30
C5 B2R C . -3.75 -1.82 2.28
C4 B2R C . -1.82 -1.62 3.73
C3 B2R C . -0.78 -2.25 4.40
C9 B2R C . -2.68 -2.42 2.97
C7 B2R C . -4.36 -3.99 1.50
C11 B2R C . -5.33 -4.79 0.68
N8 B2R C . -3.33 -4.58 2.17
C10 B2R C . -2.49 -3.82 2.91
N23 B2R C . 0.46 -4.18 5.02
C24 B2R C . 1.45 -3.56 5.70
O36 B2R C . 1.57 -2.36 5.84
O25 B2R C . 2.32 -4.45 6.23
C26 B2R C . 3.73 -4.30 5.96
C27 B2R C . 4.15 -2.91 6.47
C28 B2R C . 5.49 -2.42 5.90
N35 B2R C . 5.54 -0.90 5.69
C34 B2R C . 4.44 -0.37 4.75
C33 B2R C . 4.96 0.03 3.36
C32 B2R C . 3.86 0.71 2.51
O31 B2R C . 4.12 0.41 1.13
C30 B2R C . 4.03 -0.87 0.68
O37 B2R C . 4.70 -1.78 1.13
N29 B2R C . 3.09 -0.88 -0.30
C13 B2R C . 2.45 -1.83 -1.09
C14 B2R C . 2.94 -3.13 -1.27
C15 B2R C . 2.25 -4.03 -2.10
C20 B2R C . 1.07 -3.60 -2.72
C16 B2R C . 0.32 -4.44 -3.57
C17 B2R C . -0.82 -3.95 -4.16
C18 B2R C . -1.19 -2.64 -3.89
C22 B2R C . -2.43 -2.05 -4.52
N19 B2R C . -0.49 -1.82 -3.09
C21 B2R C . 0.64 -2.27 -2.50
N12 B2R C . 1.33 -1.42 -1.70
H1 B2R C . -5.43 -2.20 0.99
H2 B2R C . -3.94 -0.76 2.29
H3 B2R C . -1.94 -0.54 3.80
H4 B2R C . -0.07 -1.71 5.00
H5 B2R C . -5.80 -4.11 -0.06
H6 B2R C . -4.81 -5.59 0.12
H7 B2R C . -6.12 -5.24 1.29
H8 B2R C . 0.52 -5.17 5.00
H9 B2R C . 4.29 -5.10 6.49
H10 B2R C . 3.93 -4.40 4.88
H11 B2R C . 4.20 -2.95 7.58
H12 B2R C . 3.36 -2.20 6.22
H13 B2R C . 6.28 -2.69 6.61
H14 B2R C . 5.72 -2.94 4.97
H30 B2R C . 6.47 -0.63 5.31
H16 B2R C . 3.67 -1.15 4.63
H17 B2R C . 3.95 0.49 5.21
H18 B2R C . 5.79 0.75 3.46
H19 B2R C . 5.32 -0.85 2.81
H20 B2R C . 2.87 0.34 2.79
H21 B2R C . 3.88 1.80 2.67
H22 B2R C . 2.69 0.02 -0.43
H23 B2R C . 3.86 -3.45 -0.79
H24 B2R C . 2.62 -5.04 -2.25
H25 B2R C . 0.62 -5.45 -3.77
H26 B2R C . -1.42 -4.57 -4.81
H27 B2R C . -2.84 -2.71 -5.29
H28 B2R C . -3.21 -1.89 -3.76
H29 B2R C . -2.17 -1.09 -4.96
C6 B2R B . 0.46 -1.84 -5.74
N1 B2R B . -0.45 2.18 -5.35
C2 B2R B . 0.33 2.96 -4.57
C5 B2R B . 1.26 -1.05 -4.93
C4 B2R B . 1.77 1.13 -3.98
C3 B2R B . 1.42 2.47 -3.88
C9 B2R B . 0.96 0.32 -4.79
C7 B2R B . -0.62 -1.24 -6.39
C11 B2R B . -1.45 -2.17 -7.25
N8 B2R B . -0.93 0.07 -6.27
C10 B2R B . -0.16 0.86 -5.48
N23 B2R B . 0.05 4.31 -4.41
C24 B2R B . 0.62 5.24 -3.59
O36 B2R B . 1.55 5.08 -2.83
O25 B2R B . -0.02 6.43 -3.75
C26 B2R B . 0.57 7.59 -3.12
C27 B2R B . -0.24 7.89 -1.84
C28 B2R B . 0.63 7.87 -0.56
N35 B2R B . -0.17 8.06 0.74
C34 B2R B . -0.70 6.75 1.38
C33 B2R B . 0.38 5.82 1.97
C32 B2R B . -0.16 4.83 3.03
O31 B2R B . -0.40 3.55 2.42
C30 B2R B . -1.55 3.43 1.70
O37 B2R B . -2.16 4.41 1.36
N29 B2R B . -1.82 2.12 1.46
C13 B2R B . -2.80 1.46 0.70
C14 B2R B . -3.97 2.07 0.26
C15 B2R B . -4.92 1.35 -0.49
C20 B2R B . -4.64 0.00 -0.78
C16 B2R B . -5.55 -0.77 -1.52
C17 B2R B . -5.22 -2.10 -1.78
C18 B2R B . -4.02 -2.59 -1.27
C22 B2R B . -3.66 -4.02 -1.54
N19 B2R B . -3.15 -1.85 -0.56
C21 B2R B . -3.43 -0.56 -0.30
N12 B2R B . -2.55 0.17 0.42
H1 B2R B . 0.67 -2.90 -5.87
H2 B2R B . 2.09 -1.50 -4.44
H3 B2R B . 2.62 0.73 -3.46
H4 B2R B . 1.99 3.18 -3.28
H5 B2R B . -1.37 -3.19 -6.83
H6 B2R B . -2.51 -1.88 -7.25
H7 B2R B . -1.08 -2.20 -8.28
H8 B2R B . -0.71 4.65 -4.96
H9 B2R B . 1.63 7.38 -2.87
H10 B2R B . 0.54 8.44 -3.81
H11 B2R B . -0.71 8.87 -1.96
H12 B2R B . -1.06 7.16 -1.78
H13 B2R B . 1.22 6.94 -0.53
H14 B2R B . 1.35 8.70 -0.65
H30 B2R B . -0.98 8.69 0.55
H16 B2R B . -1.40 7.02 2.20
H17 B2R B . -1.30 6.20 0.65
H18 B2R B . 1.18 6.43 2.45
H19 B2R B . 0.83 5.22 1.16
H20 B2R B . -1.11 5.21 3.46
H21 B2R B . 0.55 4.72 3.86
H22 B2R B . -1.13 1.49 1.82
H23 B2R B . -4.17 3.11 0.50
H24 B2R B . -5.84 1.81 -0.83
H25 B2R B . -6.47 -0.39 -1.90
H26 B2R B . -5.89 -2.74 -2.34
H27 B2R B . -3.35 -4.48 -0.59
H28 B2R B . -2.82 -4.10 -2.24
H29 B2R B . -4.50 -4.59 -1.93
C6 B2R C . -4.53 -2.75 1.66
N1 B2R C . -1.33 -4.40 3.72
C2 B2R C . -0.53 -3.58 4.43
C5 B2R C . -3.71 -1.91 2.39
C4 B2R C . -1.80 -1.63 3.82
C3 B2R C . -0.73 -2.22 4.50
C9 B2R C . -2.63 -2.47 3.09
C7 B2R C . -4.25 -4.10 1.65
C11 B2R C . -5.21 -4.94 0.84
N8 B2R C . -3.21 -4.67 2.31
C10 B2R C . -2.39 -3.87 3.04
N23 B2R C . 0.56 -4.07 5.14
C24 B2R C . 1.55 -3.42 5.82
O36 B2R C . 1.66 -2.21 5.95
O25 B2R C . 2.44 -4.30 6.33
C26 B2R C . 3.74 -4.37 5.73
C27 B2R C . 4.67 -3.35 6.44
C28 B2R C . 4.42 -1.88 6.02
N35 B2R C . 5.39 -1.36 4.94
C34 B2R C . 4.79 -0.15 4.22
C33 B2R C . 5.09 -0.07 2.71
C32 B2R C . 3.93 0.58 1.93
O31 B2R C . 3.95 0.13 0.57
C30 B2R C . 3.81 -1.19 0.27
O37 B2R C . 4.45 -2.07 0.80
N29 B2R C . 2.86 -1.28 -0.69
C13 B2R C . 2.15 -2.28 -1.37
C14 B2R C . 2.56 -3.62 -1.46
C15 B2R C . 1.79 -4.53 -2.18
C20 B2R C . 0.63 -4.07 -2.82
C16 B2R C . -0.19 -4.94 -3.57
C17 B2R C . -1.32 -4.42 -4.19
C18 B2R C . -1.59 -3.08 -4.02
C22 B2R C . -2.82 -2.48 -4.67
N19 B2R C . -0.83 -2.24 -3.30
C21 B2R C . 0.27 -2.71 -2.70
N12 B2R C . 1.03 -1.86 -1.99
H1 B2R C . -5.37 -2.35 1.12
H2 B2R C . -3.91 -0.86 2.41
H3 B2R C . -1.96 -0.56 3.88
H4 B2R C . -0.05 -1.63 5.09
H5 B2R C . -4.71 -5.81 0.38
H6 B2R C . -6.03 -5.31 1.46
H7 B2R C . -5.64 -4.32 0.02
H8 B2R C . 0.63 -5.05 5.11
H9 B2R C . 4.14 -5.40 5.86
H10 B2R C . 3.67 -4.17 4.65
H11 B2R C . 5.71 -3.62 6.22
H12 B2R C . 4.52 -3.45 7.51
H13 B2R C . 3.38 -1.76 5.70
H14 B2R C . 4.53 -1.26 6.92
H30 B2R C . 5.64 -2.11 4.26
H16 B2R C . 3.70 -0.15 4.36
H17 B2R C . 5.16 0.78 4.70
H18 B2R C . 5.99 0.54 2.53
H19 B2R C . 5.26 -1.08 2.28
H20 B2R C . 2.96 0.33 2.39
H21 B2R C . 4.03 1.68 1.95
H22 B2R C . 2.48 -0.40 -0.90
H23 B2R C . 3.47 -3.93 -0.96
H24 B2R C . 2.10 -5.58 -2.25
H25 B2R C . 0.04 -5.99 -3.70
H26 B2R C . -1.97 -5.07 -4.78
H27 B2R C . -3.24 -3.15 -5.42
H28 B2R C . -3.59 -2.24 -3.94
H29 B2R C . -2.50 -1.55 -5.17
C6 B2R B . 0.61 -1.63 -5.91
N1 B2R B . -0.35 2.32 -5.18
C2 B2R B . 0.46 3.07 -4.39
C5 B2R B . 1.44 -0.87 -5.10
C4 B2R B . 1.95 1.22 -4.04
C3 B2R B . 1.61 2.56 -3.81
C9 B2R B . 1.11 0.46 -4.86
C7 B2R B . -0.52 -1.03 -6.45
C11 B2R B . -1.36 -1.93 -7.33
N8 B2R B . -0.87 0.26 -6.24
C10 B2R B . -0.06 1.01 -5.44
N23 B2R B . 0.17 4.41 -4.11
C24 B2R B . 0.76 5.29 -3.27
O36 B2R B . 1.74 5.10 -2.57
O25 B2R B . 0.09 6.47 -3.32
C26 B2R B . 0.59 7.54 -2.48
C27 B2R B . -0.46 7.89 -1.40
C28 B2R B . 0.14 8.15 -0.01
N35 B2R B . -0.87 8.10 1.16
C34 B2R B . -1.20 6.68 1.66
C33 B2R B . -0.02 5.94 2.35
C32 B2R B . -0.45 4.79 3.29
O31 B2R B . -0.46 3.54 2.56
C30 B2R B . -1.55 3.33 1.77
O37 B2R B . -2.19 4.26 1.36
N29 B2R B . -1.77 2.01 1.54
C13 B2R B . -2.70 1.36 0.71
C14 B2R B . -3.84 2.03 0.23
C15 B2R B . -4.76 1.35 -0.58
C20 B2R B . -4.49 0.01 -0.88
C16 B2R B . -5.39 -0.72 -1.69
C17 B2R B . -5.11 -2.05 -1.97
C18 B2R B . -3.96 -2.58 -1.41
C22 B2R B . -3.60 -4.02 -1.68
N19 B2R B . -3.09 -1.89 -0.65
C21 B2R B . -3.34 -0.60 -0.36
N12 B2R B . -2.47 0.08 0.42
H1 B2R B . 0.84 -2.67 -6.12
H2 B2R B . 2.32 -1.33 -4.68
H3 B2R B . 2.85 0.81 -3.60
H4 B2R B . 2.19 3.23 -3.19
H5 B2R B . -1.28 -2.96 -6.93
H6 B2R B . -2.41 -1.63 -7.32
H7 B2R B . -1.00 -1.94 -8.36
H8 B2R B . -0.63 4.76 -4.60
H9 B2R B . 1.53 7.21 -2.01
H10 B2R B . 0.81 8.41 -3.10
H11 B2R B . -1.02 8.77 -1.75
H12 B2R B . -1.20 7.07 -1.35
H13 B2R B . 0.97 7.46 0.19
H14 B2R B . 0.58 9.16 -0.03
H30 B2R B . -1.75 8.57 0.88
H16 B2R B . -2.03 6.73 2.37
H17 B2R B . -1.56 6.07 0.82
H18 B2R B . 0.55 6.67 2.96
H19 B2R B . 0.65 5.51 1.59
H20 B2R B . -1.46 4.98 3.69
H21 B2R B . 0.24 4.71 4.14
H22 B2R B . -1.10 1.39 1.95
H23 B2R B . -4.01 3.07 0.49
H24 B2R B . -5.64 1.86 -0.97
H25 B2R B . -6.28 -0.29 -2.11
H26 B2R B . -5.77 -2.65 -2.59
H27 B2R B . -4.42 -4.57 -2.12
H28 B2R B . -3.36 -4.47 -0.71
H29 B2R B . -2.72 -4.10 -2.33
C6 B2R C . -4.45 -2.68 1.55
N1 B2R C . -1.35 -4.38 3.75
C2 B2R C . -0.56 -3.59 4.48
C5 B2R C . -3.64 -1.86 2.31
C4 B2R C . -1.77 -1.60 3.82
C3 B2R C . -0.74 -2.21 4.54
C9 B2R C . -2.59 -2.42 3.05
C7 B2R C . -4.19 -4.04 1.56
C11 B2R C . -5.13 -4.86 0.71
N8 B2R C . -3.19 -4.61 2.26
C10 B2R C . -2.37 -3.83 3.02
N23 B2R C . 0.49 -4.11 5.24
C24 B2R C . 1.45 -3.44 5.94
O36 B2R C . 1.54 -2.23 6.06
O25 B2R C . 2.32 -4.31 6.52
C26 B2R C . 3.72 -4.21 6.17
C27 B2R C . 4.20 -2.79 6.58
C28 B2R C . 5.31 -2.23 5.66
N35 B2R C . 4.78 -1.17 4.68
C34 B2R C . 5.54 -1.21 3.33
C33 B2R C . 5.61 0.17 2.68
C32 B2R C . 5.46 0.09 1.15
O31 B2R C . 4.09 -0.28 0.90
C30 B2R C . 3.87 -1.55 0.46
O37 B2R C . 4.42 -2.51 0.92
N29 B2R C . 2.95 -1.46 -0.52
C13 B2R C . 2.22 -2.37 -1.30
C14 B2R C . 2.59 -3.70 -1.43
C15 B2R C . 1.84 -4.56 -2.25
C20 B2R C . 0.71 -4.04 -2.89
C16 B2R C . -0.10 -4.84 -3.72
C17 B2R C . -1.20 -4.26 -4.35
C18 B2R C . -1.43 -2.91 -4.12
C22 B2R C . -2.61 -2.24 -4.77
N19 B2R C . -0.68 -2.14 -3.33
C21 B2R C . 0.39 -2.67 -2.71
N12 B2R C . 1.14 -1.87 -1.93
H1 B2R C . -5.27 -2.28 0.97
H2 B2R C . -3.85 -0.80 2.29
H3 B2R C . -1.92 -0.53 3.87
H4 B2R C . -0.07 -1.65 5.17
H5 B2R C . -5.60 -4.19 -0.05
H6 B2R C . -4.59 -5.66 0.17
H7 B2R C . -5.92 -5.31 1.30
H8 B2R C . 0.57 -5.09 5.25
H9 B2R C . 4.28 -4.99 6.70
H10 B2R C . 3.84 -4.36 5.10
H11 B2R C . 4.55 -2.82 7.63
H12 B2R C . 3.34 -2.12 6.56
H13 B2R C . 6.09 -1.77 6.29
H14 B2R C . 5.79 -3.05 5.11
H30 B2R C . 4.86 -0.23 5.08
H16 B2R C . 6.55 -1.59 3.49
H17 B2R C . 5.03 -1.90 2.64
H18 B2R C . 4.80 0.82 3.05
H19 B2R C . 6.59 0.64 2.89
H20 B2R C . 5.69 1.06 0.68
H21 B2R C . 6.14 -0.67 0.73
H22 B2R C . 2.64 -0.53 -0.67
H23 B2R C . 3.48 -4.07 -0.91
H24 B2R C . 2.12 -5.62 -2.35
H25 B2R C . 0.09 -5.88 -3.90
H26 B2R C . -1.85 -4.84 -4.99
H27 B2R C . -2.27 -1.25 -5.14
H28 B2R C . -2.99 -2.82 -5.61
H29 B2R C . -3.42 -2.08 -4.04
C6 B2R B . 0.77 -1.27 -5.57
N1 B2R B . -0.36 2.67 -4.99
C2 B2R B . 0.44 3.49 -4.29
C5 B2R B . 1.60 -0.44 -4.85
C4 B2R B . 2.05 1.73 -3.93
C3 B2R B . 1.65 3.06 -3.74
C9 B2R B . 1.20 0.89 -4.66
C7 B2R B . -0.42 -0.76 -6.08
C11 B2R B . -1.27 -1.74 -6.87
N8 B2R B . -0.83 0.53 -5.92
C10 B2R B . -0.02 1.37 -5.20
N23 B2R B . 0.07 4.84 -4.07
C24 B2R B . 0.65 5.80 -3.31
O36 B2R B . 1.66 5.70 -2.65
O25 B2R B . -0.09 6.94 -3.36
C26 B2R B . 0.32 8.00 -2.47
C27 B2R B . -0.75 8.21 -1.36
C28 B2R B . -0.16 8.53 0.04
N35 B2R B . -1.12 8.31 1.23
C34 B2R B . -1.44 6.84 1.56
C33 B2R B . -0.70 6.24 2.78
C32 B2R B . 0.30 5.08 2.47
O31 B2R B . -0.36 3.79 2.57
C30 B2R B . -1.40 3.52 1.75
O37 B2R B . -2.06 4.40 1.25
N29 B2R B . -1.60 2.18 1.57
C13 B2R B . -2.48 1.51 0.73
C14 B2R B . -3.59 2.19 0.19
C15 B2R B . -4.49 1.52 -0.63
C20 B2R B . -4.25 0.17 -0.90
C16 B2R B . -5.14 -0.54 -1.72
C17 B2R B . -4.89 -1.88 -1.96
C18 B2R B . -3.77 -2.44 -1.38
C22 B2R B . -3.45 -3.90 -1.61
N19 B2R B . -2.91 -1.78 -0.58
C21 B2R B . -3.13 -0.47 -0.32
N12 B2R B . -2.27 0.21 0.48
H1 B2R B . 1.04 -2.31 -5.75
H2 B2R B . 2.51 -0.82 -4.45
H3 B2R B . 2.99 1.37 -3.52
H4 B2R B . 2.25 3.76 -3.19
H5 B2R B . -0.99 -1.74 -7.93
H6 B2R B . -1.08 -2.75 -6.46
H7 B2R B . -2.33 -1.52 -6.79
H8 B2R B . -0.78 5.09 -4.55
H9 B2R B . 1.30 7.74 -2.01
H10 B2R B . 0.46 8.93 -3.03
H11 B2R B . -1.41 9.03 -1.68
H12 B2R B . -1.37 7.31 -1.30
H13 B2R B . 0.77 7.97 0.20
H14 B2R B . 0.12 9.60 0.04
H30 B2R B . -2.01 8.82 1.04
H16 B2R B . -2.52 6.75 1.76
H17 B2R B . -1.26 6.22 0.67
H18 B2R B . -1.43 5.84 3.49
H19 B2R B . -0.12 7.03 3.28
H20 B2R B . 1.14 5.12 3.18
H21 B2R B . 0.72 5.20 1.46
H22 B2R B . -0.94 1.59 2.03
H23 B2R B . -3.74 3.24 0.42
H24 B2R B . -5.35 2.04 -1.06
H25 B2R B . -6.01 -0.08 -2.17
H26 B2R B . -5.55 -2.47 -2.59
H27 B2R B . -4.28 -4.41 -2.09
H28 B2R B . -3.29 -4.35 -0.62
H29 B2R B . -2.55 -4.02 -2.20
C6 B2R C . -4.76 -2.49 1.46
N1 B2R C . -1.48 -4.25 3.25
C2 B2R C . -0.62 -3.50 3.96
C5 B2R C . -3.88 -1.69 2.19
C4 B2R C . -1.88 -1.50 3.54
C3 B2R C . -0.78 -2.14 4.12
C9 B2R C . -2.77 -2.29 2.80
C7 B2R C . -4.48 -3.85 1.37
C11 B2R C . -5.46 -4.68 0.57
N8 B2R C . -3.42 -4.43 1.95
C10 B2R C . -2.55 -3.69 2.67
N23 B2R C . 0.48 -4.09 4.56
C24 B2R C . 1.54 -3.55 5.23
O36 B2R C . 1.72 -2.37 5.47
O25 B2R C . 2.38 -4.55 5.60
C26 B2R C . 3.80 -4.34 5.72
C27 B2R C . 4.08 -3.04 6.50
C28 B2R C . 5.21 -2.20 5.87
N35 B2R C . 4.68 -1.05 5.00
C34 B2R C . 5.62 -0.72 3.83
C33 B2R C . 5.35 0.67 3.23
C32 B2R C . 5.69 0.72 1.72
O31 B2R C . 4.50 0.30 1.03
C30 B2R C . 4.43 -0.98 0.60
O37 B2R C . 5.11 -1.89 1.01
N29 B2R C . 3.43 -1.00 -0.34
C13 B2R C . 2.75 -1.97 -1.08
C14 B2R C . 3.24 -3.26 -1.29
C15 B2R C . 2.50 -4.16 -2.08
C20 B2R C . 1.30 -3.73 -2.63
C16 B2R C . 0.51 -4.58 -3.43
C17 B2R C . -0.68 -4.09 -3.97
C18 B2R C . -1.02 -2.79 -3.69
C22 B2R C . -2.30 -2.21 -4.24
N19 B2R C . -0.28 -1.96 -2.92
C21 B2R C . 0.88 -2.40 -2.39
N12 B2R C . 1.60 -1.55 -1.63
H1 B2R C . -5.63 -2.07 0.96
H2 B2R C . -4.09 -0.64 2.26
H3 B2R C . -2.02 -0.42 3.66
H4 B2R C . -0.04 -1.62 4.72
H5 B2R C . -5.93 -4.04 -0.20
H6 B2R C . -4.94 -5.51 0.06
H7 B2R C . -6.25 -5.10 1.21
H8 B2R C . 0.50 -5.08 4.46
H9 B2R C . 4.24 -5.21 6.23
H10 B2R C . 4.25 -4.29 4.72
H11 B2R C . 4.32 -3.25 7.55
H12 B2R C . 3.16 -2.44 6.52
H13 B2R C . 5.84 -1.79 6.66
H14 B2R C . 5.85 -2.86 5.26
H30 B2R C . 4.53 -0.20 5.59
H16 B2R C . 6.66 -0.76 4.19
H17 B2R C . 5.50 -1.47 3.03
H18 B2R C . 4.28 0.93 3.33
H19 B2R C . 5.96 1.43 3.74
H20 B2R C . 5.98 1.73 1.42
H21 B2R C . 6.53 0.04 1.49
H22 B2R C . 3.01 -0.11 -0.45
H23 B2R C . 4.18 -3.58 -0.85
H24 B2R C . 2.88 -5.18 -2.24
H25 B2R C . 0.79 -5.60 -3.66
H26 B2R C . -1.30 -4.72 -4.59
H27 B2R C . -2.73 -2.86 -4.99
H28 B2R C . -3.03 -2.03 -3.45
H29 B2R C . -2.04 -1.24 -4.71
C6 B2R B . 0.50 -1.44 -5.32
N1 B2R B . -0.19 2.62 -5.08
C2 B2R B . 0.56 3.37 -4.26
C5 B2R B . 1.27 -0.68 -4.47
C4 B2R B . 1.84 1.47 -3.53
C3 B2R B . 1.57 2.84 -3.49
C9 B2R B . 1.05 0.69 -4.39
C7 B2R B . -0.49 -0.82 -6.06
C11 B2R B . -1.29 -1.74 -6.96
N8 B2R B . -0.72 0.51 -6.00
C10 B2R B . 0.02 1.28 -5.17
N23 B2R B . 0.37 4.75 -4.16
C24 B2R B . 0.93 5.66 -3.31
O36 B2R B . 1.77 5.45 -2.47
O25 B2R B . 0.40 6.88 -3.56
C26 B2R B . -0.55 7.40 -2.61
C27 B2R B . 0.22 8.32 -1.64
C28 B2R B . 1.02 7.56 -0.57
N35 B2R B . 0.32 7.49 0.80
C34 B2R B . 0.92 6.35 1.64
C33 B2R B . -0.15 5.40 2.23
C32 B2R B . 0.38 3.95 2.32
O31 B2R B . -0.74 3.09 2.57
C30 B2R B . -1.81 3.09 1.73
O37 B2R B . -2.33 4.10 1.31
N29 B2R B . -2.15 1.80 1.47
C13 B2R B . -3.05 1.12 0.63
C14 B2R B . -4.16 1.72 0.04
C15 B2R B . -5.02 0.96 -0.76
C20 B2R B . -4.73 -0.41 -0.93
C16 B2R B . -5.55 -1.23 -1.71
C17 B2R B . -5.21 -2.57 -1.84
C18 B2R B . -4.08 -3.03 -1.18
C22 B2R B . -3.67 -4.46 -1.28
N19 B2R B . -3.29 -2.24 -0.43
C21 B2R B . -3.59 -0.94 -0.29
N12 B2R B . -2.79 -0.18 0.47
H1 B2R B . 0.65 -2.52 -5.41
H2 B2R B . 2.03 -1.18 -3.90
H3 B2R B . 2.63 1.04 -2.92
H4 B2R B . 2.11 3.55 -2.87
H5 B2R B . -1.19 -2.78 -6.57
H6 B2R B . -2.34 -1.47 -6.99
H7 B2R B . -0.89 -1.73 -7.99
H8 B2R B . -0.32 5.11 -4.77
H9 B2R B . -1.34 7.96 -3.13
H10 B2R B . -1.02 6.58 -2.06
H11 B2R B . 0.91 8.94 -2.24
H12 B2R B . -0.49 9.00 -1.17
H13 B2R B . 1.25 6.54 -0.93
H14 B2R B . 1.99 8.06 -0.44
H30 B2R B . -0.70 7.35 0.68
H16 B2R B . 1.61 5.77 1.02
H17 B2R B . 1.51 6.78 2.46
H18 B2R B . -1.05 5.40 1.60
H19 B2R B . -0.42 5.72 3.25
H20 B2R B . 1.11 3.85 3.13
H21 B2R B . 0.86 3.66 1.38
H22 B2R B . -1.53 1.17 1.92
H23 B2R B . -4.36 2.77 0.21
H24 B2R B . -5.89 1.42 -1.23
H25 B2R B . -6.43 -0.87 -2.23
H26 B2R B . -5.82 -3.25 -2.44
H27 B2R B . -4.51 -5.10 -1.61
H28 B2R B . -3.38 -4.77 -0.27
H29 B2R B . -2.83 -4.60 -1.95
C6 B2R C . -4.72 -2.91 1.80
N1 B2R C . -1.38 -4.41 3.76
C2 B2R C . -0.57 -3.58 4.45
C5 B2R C . -3.90 -2.04 2.50
C4 B2R C . -1.94 -1.67 3.88
C3 B2R C . -0.84 -2.21 4.53
C9 B2R C . -2.77 -2.54 3.16
C7 B2R C . -4.38 -4.26 1.79
C11 B2R C . -5.31 -5.15 1.00
N8 B2R C . -3.29 -4.76 2.43
C10 B2R C . -2.48 -3.92 3.12
N23 B2R C . 0.56 -4.07 5.12
C24 B2R C . 1.56 -3.42 5.77
O36 B2R C . 1.66 -2.22 5.93
O25 B2R C . 2.48 -4.31 6.22
C26 B2R C . 3.63 -3.79 6.92
C27 B2R C . 4.83 -3.77 5.94
C28 B2R C . 5.49 -2.38 5.81
N35 B2R C . 6.54 -2.27 4.68
C34 B2R C . 5.94 -1.94 3.30
C33 B2R C . 5.33 -0.52 3.19
C32 B2R C . 5.26 0.02 1.74
O31 B2R C . 3.93 -0.18 1.22
C30 B2R C . 3.69 -1.37 0.62
O37 B2R C . 4.28 -2.37 0.93
N29 B2R C . 2.74 -1.23 -0.33
C13 B2R C . 2.07 -2.17 -1.14
C14 B2R C . 2.60 -3.44 -1.32
C15 B2R C . 1.95 -4.38 -2.14
C20 B2R C . 0.77 -3.98 -2.77
C16 B2R C . 0.05 -4.86 -3.61
C17 B2R C . -1.11 -4.41 -4.21
C18 B2R C . -1.51 -3.11 -3.94
C22 B2R C . -2.76 -2.57 -4.56
N19 B2R C . -0.85 -2.26 -3.14
C21 B2R C . 0.28 -2.67 -2.54
N12 B2R C . 0.94 -1.79 -1.74
H1 B2R C . -5.59 -2.56 1.28
H2 B2R C . -4.17 -1.01 2.51
H3 B2R C . -2.15 -0.61 3.94
H4 B2R C . -0.16 -1.59 5.09
H5 B2R C . -4.80 -6.04 0.62
H6 B2R C . -6.15 -5.47 1.63
H7 B2R C . -5.71 -4.57 0.14
H8 B2R C . 0.65 -5.06 5.08
H9 B2R C . 3.42 -2.78 7.29
H10 B2R C . 3.85 -4.43 7.79
H11 B2R C . 4.48 -4.14 4.96
H12 B2R C . 5.57 -4.50 6.29
H13 B2R C . 4.71 -1.61 5.68
H14 B2R C . 5.98 -2.15 6.77
H30 B2R C . 7.06 -3.17 4.63
H16 B2R C . 6.74 -2.03 2.54
H17 B2R C . 5.19 -2.69 3.03
H18 B2R C . 4.30 -0.53 3.58
H19 B2R C . 5.93 0.20 3.79
H20 B2R C . 5.52 1.09 1.71
H21 B2R C . 5.99 -0.52 1.10
H22 B2R C . 2.36 -0.31 -0.41
H23 B2R C . 3.53 -3.71 -0.82
H24 B2R C . 2.37 -5.37 -2.28
H25 B2R C . 0.38 -5.86 -3.81
H26 B2R C . -1.69 -5.05 -4.87
H27 B2R C . -3.51 -2.34 -3.79
H28 B2R C . -2.49 -1.61 -5.04
H29 B2R C . -3.18 -3.24 -5.30
#